data_4S2X
#
_entry.id   4S2X
#
_cell.length_a   78.499
_cell.length_b   38.868
_cell.length_c   57.201
_cell.angle_alpha   90.00
_cell.angle_beta   100.13
_cell.angle_gamma   90.00
#
_symmetry.space_group_name_H-M   'C 1 2 1'
#
loop_
_entity.id
_entity.type
_entity.pdbx_description
1 polymer 'RNA pyrophosphohydrolase'
2 polymer "RNA (5'-R(*(APC)*GP*U)-3')"
3 non-polymer 'MAGNESIUM ION'
4 non-polymer 'SULFATE ION'
5 water water
#
loop_
_entity_poly.entity_id
_entity_poly.type
_entity_poly.pdbx_seq_one_letter_code
_entity_poly.pdbx_strand_id
1 'polypeptide(L)'
;SMIDDDGYRPNVGIVICNRQGQVMWARRFGQHSWQFPQGGINPGESAEQAMYRELFEEVGLSRKDVRILASTRNWLRYKL
PKRLVRWDTKPVCIGQKQKWFLLQLVSGDAEINMQTSSTPEFDGWRWVSYWYPVRQVVSFKRDVYRRVMKEFASVVMSLA
A
;
A
2 'polyribonucleotide' (APC)GU B
#
loop_
_chem_comp.id
_chem_comp.type
_chem_comp.name
_chem_comp.formula
APC non-polymer 'DIPHOSPHOMETHYLPHOSPHONIC ACID ADENOSYL ESTER' 'C11 H18 N5 O12 P3'
G RNA linking GUANOSINE-5'-MONOPHOSPHATE 'C10 H14 N5 O8 P'
MG non-polymer 'MAGNESIUM ION' 'Mg 2'
SO4 non-polymer 'SULFATE ION' 'O4 S -2'
U RNA linking URIDINE-5'-MONOPHOSPHATE 'C9 H13 N2 O9 P'
#
# COMPACT_ATOMS: atom_id res chain seq x y z
N SER A 1 0.70 -6.98 -13.03
CA SER A 1 -0.66 -7.19 -13.62
C SER A 1 -0.78 -6.64 -15.04
N MET A 2 -1.91 -6.93 -15.68
CA MET A 2 -2.14 -6.52 -17.06
C MET A 2 -2.63 -5.07 -17.15
N ILE A 3 -2.07 -4.35 -18.11
CA ILE A 3 -2.35 -2.93 -18.32
C ILE A 3 -3.69 -2.76 -19.03
N ASP A 4 -4.49 -1.79 -18.60
CA ASP A 4 -5.75 -1.48 -19.28
C ASP A 4 -5.51 -0.66 -20.56
N ASP A 5 -6.58 -0.36 -21.29
CA ASP A 5 -6.46 0.34 -22.58
C ASP A 5 -6.08 1.82 -22.45
N ASP A 6 -6.04 2.32 -21.22
CA ASP A 6 -5.63 3.70 -20.96
C ASP A 6 -4.18 3.80 -20.47
N GLY A 7 -3.54 2.65 -20.28
CA GLY A 7 -2.18 2.60 -19.75
C GLY A 7 -2.06 2.46 -18.25
N TYR A 8 -3.21 2.26 -17.57
CA TYR A 8 -3.23 2.13 -16.12
C TYR A 8 -3.28 0.68 -15.65
N ARG A 9 -2.41 0.37 -14.70
CA ARG A 9 -2.33 -0.97 -14.12
C ARG A 9 -3.21 -1.00 -12.86
N PRO A 10 -4.19 -1.93 -12.81
CA PRO A 10 -5.02 -2.11 -11.61
C PRO A 10 -4.18 -2.55 -10.42
N ASN A 11 -4.35 -1.84 -9.29
N ASN A 11 -4.26 -1.78 -9.33
CA ASN A 11 -3.43 -1.89 -8.16
CA ASN A 11 -3.44 -2.03 -8.15
C ASN A 11 -4.13 -1.72 -6.81
C ASN A 11 -4.23 -1.89 -6.85
N VAL A 12 -3.66 -2.43 -5.79
CA VAL A 12 -4.18 -2.25 -4.43
C VAL A 12 -3.11 -1.68 -3.53
N GLY A 13 -3.50 -0.78 -2.63
CA GLY A 13 -2.60 -0.20 -1.64
C GLY A 13 -3.08 -0.49 -0.23
N ILE A 14 -2.14 -0.54 0.71
CA ILE A 14 -2.45 -0.96 2.08
C ILE A 14 -1.93 0.02 3.11
N VAL A 15 -2.85 0.60 3.88
CA VAL A 15 -2.50 1.40 5.04
C VAL A 15 -2.78 0.54 6.27
N ILE A 16 -1.72 0.15 6.99
CA ILE A 16 -1.86 -0.63 8.22
C ILE A 16 -1.66 0.30 9.41
N CYS A 17 -2.64 0.34 10.30
CA CYS A 17 -2.56 1.20 11.49
C CYS A 17 -2.50 0.39 12.79
N ASN A 18 -2.09 1.06 13.86
CA ASN A 18 -2.19 0.51 15.21
C ASN A 18 -3.21 1.32 16.02
N ARG A 19 -3.19 1.18 17.36
CA ARG A 19 -4.09 1.94 18.24
C ARG A 19 -3.43 3.19 18.84
N GLN A 20 -2.33 3.63 18.26
CA GLN A 20 -1.57 4.77 18.79
C GLN A 20 -1.57 5.98 17.85
N GLY A 21 -2.43 5.93 16.83
CA GLY A 21 -2.49 6.97 15.81
C GLY A 21 -1.33 6.87 14.84
N GLN A 22 -0.84 5.65 14.64
CA GLN A 22 0.33 5.42 13.80
C GLN A 22 0.01 4.49 12.63
N VAL A 23 0.79 4.62 11.57
CA VAL A 23 0.66 3.75 10.39
C VAL A 23 2.02 3.14 10.02
N MET A 24 1.96 1.98 9.39
CA MET A 24 3.16 1.24 8.97
C MET A 24 3.76 1.87 7.71
N TRP A 25 5.03 2.27 7.83
CA TRP A 25 5.76 2.98 6.79
C TRP A 25 6.93 2.13 6.40
N ALA A 26 7.08 1.83 5.11
CA ALA A 26 8.08 0.85 4.69
C ALA A 26 9.09 1.43 3.71
N ARG A 27 10.35 1.00 3.85
CA ARG A 27 11.43 1.56 3.03
C ARG A 27 11.61 0.72 1.77
N ARG A 28 11.46 1.35 0.61
CA ARG A 28 11.67 0.67 -0.67
C ARG A 28 13.05 0.02 -0.71
N PHE A 29 13.08 -1.23 -1.14
CA PHE A 29 14.28 -2.06 -1.15
C PHE A 29 15.48 -1.35 -1.81
N GLY A 30 16.52 -1.13 -1.01
CA GLY A 30 17.77 -0.54 -1.52
C GLY A 30 17.72 0.96 -1.80
N GLN A 31 16.68 1.63 -1.28
CA GLN A 31 16.47 3.06 -1.48
C GLN A 31 16.32 3.79 -0.15
N HIS A 32 16.22 5.11 -0.21
CA HIS A 32 15.87 5.92 0.97
C HIS A 32 14.52 6.55 0.82
N SER A 33 13.72 5.98 -0.08
N SER A 33 13.73 6.02 -0.10
CA SER A 33 12.36 6.43 -0.35
CA SER A 33 12.36 6.44 -0.31
C SER A 33 11.37 5.43 0.26
C SER A 33 11.44 5.45 0.37
N TRP A 34 10.33 5.95 0.92
CA TRP A 34 9.39 5.11 1.67
C TRP A 34 7.99 5.20 1.09
N GLN A 35 7.19 4.16 1.34
CA GLN A 35 5.81 4.11 0.83
C GLN A 35 4.98 3.11 1.61
N PHE A 36 3.68 3.08 1.31
CA PHE A 36 2.81 2.01 1.80
C PHE A 36 2.93 0.81 0.85
N PRO A 37 2.68 -0.40 1.36
CA PRO A 37 2.63 -1.55 0.46
C PRO A 37 1.58 -1.37 -0.64
N GLN A 38 1.96 -1.70 -1.87
CA GLN A 38 1.02 -1.75 -2.98
C GLN A 38 1.38 -2.88 -3.93
N GLY A 39 0.38 -3.43 -4.60
CA GLY A 39 0.63 -4.52 -5.52
C GLY A 39 -0.37 -4.60 -6.63
N GLY A 40 -0.03 -5.36 -7.67
CA GLY A 40 -0.88 -5.52 -8.82
C GLY A 40 -2.04 -6.46 -8.55
N ILE A 41 -3.09 -6.30 -9.34
CA ILE A 41 -4.23 -7.19 -9.30
C ILE A 41 -4.14 -8.14 -10.49
N ASN A 42 -4.04 -9.45 -10.22
CA ASN A 42 -4.02 -10.46 -11.28
C ASN A 42 -5.39 -10.66 -11.93
N PRO A 43 -5.42 -11.12 -13.19
CA PRO A 43 -6.69 -11.48 -13.81
C PRO A 43 -7.43 -12.52 -12.96
N GLY A 44 -8.73 -12.33 -12.79
CA GLY A 44 -9.52 -13.22 -11.95
C GLY A 44 -9.54 -12.84 -10.48
N GLU A 45 -8.56 -12.06 -10.04
CA GLU A 45 -8.48 -11.59 -8.66
C GLU A 45 -9.42 -10.43 -8.39
N SER A 46 -10.11 -10.49 -7.27
CA SER A 46 -10.80 -9.32 -6.72
C SER A 46 -9.76 -8.43 -6.06
N ALA A 47 -10.10 -7.17 -5.87
CA ALA A 47 -9.22 -6.24 -5.16
C ALA A 47 -8.84 -6.74 -3.77
N GLU A 48 -9.82 -7.26 -3.02
CA GLU A 48 -9.57 -7.78 -1.68
C GLU A 48 -8.60 -8.97 -1.69
N GLN A 49 -8.78 -9.86 -2.66
CA GLN A 49 -7.87 -11.01 -2.81
C GLN A 49 -6.46 -10.56 -3.13
N ALA A 50 -6.33 -9.62 -4.07
CA ALA A 50 -5.04 -9.02 -4.41
C ALA A 50 -4.38 -8.38 -3.20
N MET A 51 -5.19 -7.71 -2.38
CA MET A 51 -4.70 -7.06 -1.17
C MET A 51 -4.13 -8.09 -0.19
N TYR A 52 -4.86 -9.17 0.04
CA TYR A 52 -4.38 -10.21 0.94
C TYR A 52 -3.15 -10.92 0.39
N ARG A 53 -3.06 -11.04 -0.92
CA ARG A 53 -1.86 -11.62 -1.52
C ARG A 53 -0.64 -10.74 -1.32
N GLU A 54 -0.79 -9.44 -1.59
N GLU A 54 -0.79 -9.44 -1.63
CA GLU A 54 0.32 -8.50 -1.40
CA GLU A 54 0.28 -8.47 -1.38
C GLU A 54 0.65 -8.35 0.09
C GLU A 54 0.66 -8.47 0.09
N LEU A 55 -0.35 -8.49 0.95
CA LEU A 55 -0.15 -8.51 2.40
C LEU A 55 0.74 -9.68 2.82
N PHE A 56 0.45 -10.86 2.29
CA PHE A 56 1.26 -12.05 2.56
C PHE A 56 2.67 -11.95 1.95
N GLU A 57 2.71 -11.51 0.69
N GLU A 57 2.75 -11.59 0.67
CA GLU A 57 3.95 -11.38 -0.08
CA GLU A 57 4.03 -11.61 -0.04
C GLU A 57 4.90 -10.31 0.47
C GLU A 57 5.06 -10.68 0.58
N GLU A 58 4.37 -9.13 0.72
N GLU A 58 4.65 -9.46 0.90
CA GLU A 58 5.23 -8.00 1.08
CA GLU A 58 5.60 -8.40 1.24
C GLU A 58 5.41 -7.82 2.60
C GLU A 58 5.48 -7.86 2.66
N VAL A 59 4.41 -8.25 3.37
CA VAL A 59 4.33 -7.94 4.81
C VAL A 59 4.36 -9.22 5.66
N GLY A 60 4.12 -10.37 5.03
CA GLY A 60 4.19 -11.65 5.73
C GLY A 60 2.97 -11.97 6.58
N LEU A 61 1.91 -11.18 6.45
CA LEU A 61 0.72 -11.31 7.28
C LEU A 61 -0.44 -12.10 6.67
N SER A 62 -1.24 -12.69 7.57
CA SER A 62 -2.45 -13.43 7.22
C SER A 62 -3.65 -12.53 7.43
N ARG A 63 -4.80 -12.90 6.84
CA ARG A 63 -6.08 -12.27 7.20
C ARG A 63 -6.26 -12.25 8.71
N LYS A 64 -5.81 -13.32 9.37
CA LYS A 64 -6.01 -13.48 10.82
C LYS A 64 -5.26 -12.43 11.64
N ASP A 65 -4.25 -11.80 11.03
CA ASP A 65 -3.42 -10.82 11.73
C ASP A 65 -3.95 -9.39 11.70
N VAL A 66 -5.00 -9.17 10.91
CA VAL A 66 -5.52 -7.83 10.66
C VAL A 66 -7.04 -7.81 10.68
N ARG A 67 -7.61 -6.61 10.75
CA ARG A 67 -9.01 -6.46 10.38
C ARG A 67 -9.18 -5.28 9.43
N ILE A 68 -9.98 -5.49 8.40
CA ILE A 68 -10.28 -4.43 7.43
C ILE A 68 -11.22 -3.43 8.08
N LEU A 69 -10.78 -2.19 8.18
CA LEU A 69 -11.56 -1.13 8.80
C LEU A 69 -12.25 -0.22 7.78
N ALA A 70 -11.67 -0.12 6.59
CA ALA A 70 -12.20 0.73 5.53
C ALA A 70 -11.55 0.41 4.19
N SER A 71 -12.19 0.87 3.11
CA SER A 71 -11.61 0.83 1.78
C SER A 71 -12.12 2.03 0.98
N THR A 72 -11.36 2.42 -0.04
CA THR A 72 -11.79 3.49 -0.94
C THR A 72 -12.78 2.94 -1.96
N ARG A 73 -13.75 3.76 -2.36
CA ARG A 73 -14.86 3.32 -3.20
C ARG A 73 -14.47 3.01 -4.64
N ASN A 74 -13.83 3.97 -5.31
CA ASN A 74 -13.46 3.82 -6.72
C ASN A 74 -11.95 3.80 -6.95
N TRP A 75 -11.54 3.96 -8.21
CA TRP A 75 -10.12 4.01 -8.57
C TRP A 75 -9.53 5.35 -8.25
N LEU A 76 -8.36 5.33 -7.61
CA LEU A 76 -7.53 6.53 -7.50
C LEU A 76 -6.31 6.37 -8.41
N ARG A 77 -6.10 7.32 -9.29
CA ARG A 77 -5.07 7.22 -10.31
C ARG A 77 -3.89 8.15 -10.08
N TYR A 78 -2.69 7.64 -10.34
CA TYR A 78 -1.50 8.47 -10.50
C TYR A 78 -0.76 8.11 -11.77
N LYS A 79 -0.15 9.10 -12.41
CA LYS A 79 0.65 8.89 -13.60
C LYS A 79 2.13 8.95 -13.23
N LEU A 80 2.93 8.12 -13.87
CA LEU A 80 4.38 8.13 -13.69
C LEU A 80 4.99 9.34 -14.38
N PRO A 81 6.12 9.86 -13.85
CA PRO A 81 6.90 10.85 -14.60
C PRO A 81 7.34 10.25 -15.92
N LYS A 82 7.38 11.07 -16.97
CA LYS A 82 7.75 10.62 -18.32
C LYS A 82 9.06 9.85 -18.34
N ARG A 83 9.98 10.24 -17.44
CA ARG A 83 11.29 9.61 -17.33
C ARG A 83 11.23 8.16 -16.86
N LEU A 84 10.22 7.82 -16.06
CA LEU A 84 10.10 6.50 -15.45
C LEU A 84 9.26 5.52 -16.27
N VAL A 85 8.62 6.02 -17.33
CA VAL A 85 7.82 5.19 -18.23
C VAL A 85 8.75 4.34 -19.09
N ARG A 86 8.74 3.03 -18.86
CA ARG A 86 9.64 2.10 -19.57
C ARG A 86 9.10 1.75 -20.95
N LYS A 90 5.47 -2.50 -24.79
CA LYS A 90 4.24 -2.95 -25.44
C LYS A 90 3.60 -4.11 -24.67
N PRO A 91 2.49 -3.84 -23.96
CA PRO A 91 1.86 -2.53 -23.82
C PRO A 91 2.53 -1.68 -22.75
N VAL A 92 2.45 -0.36 -22.91
CA VAL A 92 3.16 0.57 -22.05
C VAL A 92 2.29 0.99 -20.85
N CYS A 93 2.88 0.91 -19.65
CA CYS A 93 2.22 1.35 -18.43
C CYS A 93 2.63 2.78 -18.10
N ILE A 94 1.65 3.67 -17.99
CA ILE A 94 1.89 5.09 -17.70
C ILE A 94 1.56 5.44 -16.24
N GLY A 95 0.95 4.51 -15.52
CA GLY A 95 0.56 4.74 -14.14
C GLY A 95 -0.28 3.65 -13.54
N GLN A 96 -0.78 3.88 -12.33
N GLN A 96 -0.79 3.89 -12.33
CA GLN A 96 -1.57 2.90 -11.59
CA GLN A 96 -1.59 2.90 -11.63
C GLN A 96 -2.96 3.44 -11.25
C GLN A 96 -2.96 3.45 -11.26
N LYS A 97 -3.97 2.57 -11.32
CA LYS A 97 -5.29 2.88 -10.80
C LYS A 97 -5.48 2.01 -9.57
N GLN A 98 -5.75 2.65 -8.44
CA GLN A 98 -5.61 2.00 -7.14
C GLN A 98 -6.89 1.90 -6.31
N LYS A 99 -7.06 0.76 -5.66
CA LYS A 99 -8.04 0.61 -4.60
C LYS A 99 -7.28 0.46 -3.29
N TRP A 100 -7.66 1.25 -2.30
CA TRP A 100 -6.94 1.32 -1.03
C TRP A 100 -7.70 0.69 0.11
N PHE A 101 -6.95 0.05 1.00
CA PHE A 101 -7.51 -0.64 2.16
C PHE A 101 -6.87 -0.13 3.44
N LEU A 102 -7.70 0.08 4.45
CA LEU A 102 -7.22 0.40 5.79
C LEU A 102 -7.34 -0.84 6.66
N LEU A 103 -6.20 -1.32 7.14
CA LEU A 103 -6.15 -2.48 8.04
C LEU A 103 -5.65 -2.06 9.41
N GLN A 104 -6.22 -2.66 10.45
CA GLN A 104 -5.66 -2.55 11.78
C GLN A 104 -4.88 -3.83 12.06
N LEU A 105 -3.62 -3.67 12.47
CA LEU A 105 -2.81 -4.81 12.89
C LEU A 105 -3.28 -5.25 14.28
N VAL A 106 -3.71 -6.50 14.39
CA VAL A 106 -4.16 -7.06 15.68
C VAL A 106 -3.20 -8.10 16.28
N SER A 107 -2.34 -8.68 15.44
N SER A 107 -2.34 -8.65 15.44
CA SER A 107 -1.28 -9.54 15.93
CA SER A 107 -1.26 -9.53 15.90
C SER A 107 -0.09 -8.69 16.36
C SER A 107 -0.09 -8.69 16.36
N GLY A 108 0.92 -9.32 16.95
CA GLY A 108 2.14 -8.63 17.38
C GLY A 108 2.96 -8.10 16.21
N ASP A 109 3.75 -7.06 16.46
CA ASP A 109 4.67 -6.49 15.47
C ASP A 109 5.61 -7.53 14.87
N ALA A 110 5.94 -8.55 15.66
CA ALA A 110 6.87 -9.61 15.25
C ALA A 110 6.33 -10.51 14.14
N GLU A 111 5.02 -10.45 13.88
CA GLU A 111 4.40 -11.23 12.81
C GLU A 111 4.76 -10.69 11.43
N ILE A 112 5.10 -9.40 11.37
CA ILE A 112 5.49 -8.77 10.11
C ILE A 112 6.85 -9.29 9.66
N ASN A 113 6.90 -9.80 8.43
CA ASN A 113 8.13 -10.26 7.82
C ASN A 113 8.18 -9.74 6.39
N MET A 114 9.09 -8.80 6.14
CA MET A 114 9.21 -8.17 4.83
C MET A 114 10.33 -8.76 4.00
N GLN A 115 10.89 -9.87 4.46
CA GLN A 115 12.11 -10.42 3.87
C GLN A 115 11.93 -11.79 3.21
N THR A 116 10.69 -12.17 2.93
CA THR A 116 10.42 -13.52 2.41
C THR A 116 10.60 -13.70 0.91
N SER A 117 10.55 -12.60 0.15
CA SER A 117 10.77 -12.67 -1.29
C SER A 117 12.26 -12.76 -1.63
N SER A 118 12.57 -13.35 -2.77
CA SER A 118 13.94 -13.33 -3.30
C SER A 118 14.34 -11.91 -3.71
N THR A 119 13.34 -11.11 -4.09
CA THR A 119 13.53 -9.68 -4.34
C THR A 119 12.46 -8.88 -3.59
N PRO A 120 12.73 -8.57 -2.30
CA PRO A 120 11.73 -7.88 -1.46
C PRO A 120 11.36 -6.52 -2.04
N GLU A 121 10.14 -6.06 -1.80
N GLU A 121 10.11 -6.12 -1.82
CA GLU A 121 9.80 -4.72 -2.23
CA GLU A 121 9.63 -4.77 -2.14
C GLU A 121 10.08 -3.70 -1.12
C GLU A 121 10.30 -3.78 -1.21
N PHE A 122 10.46 -4.20 0.04
CA PHE A 122 10.92 -3.35 1.14
C PHE A 122 12.09 -3.95 1.91
N ASP A 123 12.92 -3.09 2.48
CA ASP A 123 13.94 -3.52 3.43
C ASP A 123 13.36 -3.81 4.81
N GLY A 124 12.36 -3.01 5.19
CA GLY A 124 11.77 -3.09 6.51
C GLY A 124 10.84 -1.92 6.72
N TRP A 125 10.39 -1.72 7.95
CA TRP A 125 9.32 -0.77 8.24
C TRP A 125 9.46 -0.14 9.59
N ARG A 126 8.75 0.96 9.80
CA ARG A 126 8.58 1.53 11.14
C ARG A 126 7.18 2.15 11.29
N TRP A 127 6.75 2.34 12.52
CA TRP A 127 5.53 3.08 12.81
C TRP A 127 5.81 4.55 12.67
N VAL A 128 4.94 5.26 11.96
CA VAL A 128 5.06 6.72 11.85
C VAL A 128 3.74 7.40 12.22
N SER A 129 3.82 8.68 12.58
CA SER A 129 2.63 9.49 12.82
C SER A 129 1.74 9.50 11.59
N TYR A 130 0.42 9.56 11.81
CA TYR A 130 -0.57 9.35 10.77
C TYR A 130 -0.37 10.15 9.48
N TRP A 131 -0.05 11.43 9.61
CA TRP A 131 0.03 12.34 8.47
C TRP A 131 1.38 12.41 7.82
N TYR A 132 2.38 11.80 8.45
CA TYR A 132 3.77 11.80 7.99
C TYR A 132 3.94 11.32 6.53
N PRO A 133 3.23 10.24 6.13
CA PRO A 133 3.31 9.73 4.75
C PRO A 133 3.01 10.73 3.62
N VAL A 134 2.08 11.65 3.85
CA VAL A 134 1.66 12.59 2.81
C VAL A 134 2.84 13.47 2.34
N ARG A 135 3.58 14.01 3.29
CA ARG A 135 4.73 14.87 2.98
C ARG A 135 5.97 14.09 2.55
N GLN A 136 6.00 12.80 2.86
CA GLN A 136 7.21 11.98 2.70
C GLN A 136 7.26 11.09 1.47
N VAL A 137 6.10 10.72 0.93
CA VAL A 137 6.05 9.89 -0.27
C VAL A 137 6.55 10.68 -1.48
N VAL A 138 7.12 9.97 -2.46
CA VAL A 138 7.54 10.59 -3.72
C VAL A 138 6.43 11.47 -4.27
N SER A 139 6.80 12.64 -4.83
CA SER A 139 5.84 13.67 -5.17
C SER A 139 4.70 13.24 -6.11
N PHE A 140 4.97 12.35 -7.06
CA PHE A 140 3.94 11.93 -8.01
C PHE A 140 2.81 11.09 -7.40
N LYS A 141 3.02 10.62 -6.17
CA LYS A 141 2.01 9.85 -5.44
C LYS A 141 1.29 10.68 -4.38
N ARG A 142 1.76 11.91 -4.16
CA ARG A 142 1.27 12.75 -3.06
C ARG A 142 -0.22 13.07 -3.13
N ASP A 143 -0.71 13.35 -4.34
CA ASP A 143 -2.14 13.63 -4.56
C ASP A 143 -3.01 12.45 -4.14
N VAL A 144 -2.62 11.23 -4.55
CA VAL A 144 -3.34 10.01 -4.17
C VAL A 144 -3.28 9.80 -2.66
N TYR A 145 -2.08 9.94 -2.09
CA TYR A 145 -1.87 9.75 -0.66
C TYR A 145 -2.69 10.71 0.19
N ARG A 146 -2.74 11.97 -0.24
CA ARG A 146 -3.54 12.99 0.43
C ARG A 146 -5.02 12.58 0.51
N ARG A 147 -5.57 12.09 -0.60
CA ARG A 147 -6.96 11.66 -0.66
C ARG A 147 -7.21 10.41 0.19
N VAL A 148 -6.30 9.44 0.11
CA VAL A 148 -6.38 8.21 0.91
C VAL A 148 -6.39 8.52 2.40
N MET A 149 -5.40 9.29 2.85
CA MET A 149 -5.25 9.59 4.27
C MET A 149 -6.39 10.43 4.82
N LYS A 150 -6.93 11.32 3.98
CA LYS A 150 -8.11 12.11 4.35
C LYS A 150 -9.33 11.21 4.55
N GLU A 151 -9.49 10.22 3.68
CA GLU A 151 -10.63 9.30 3.74
C GLU A 151 -10.55 8.35 4.95
N PHE A 152 -9.34 7.95 5.32
CA PHE A 152 -9.15 7.01 6.43
C PHE A 152 -8.98 7.70 7.78
N ALA A 153 -8.87 9.02 7.78
CA ALA A 153 -8.49 9.82 8.95
C ALA A 153 -9.35 9.56 10.19
N SER A 154 -10.67 9.67 10.03
CA SER A 154 -11.61 9.57 11.15
C SER A 154 -11.56 8.22 11.86
N VAL A 155 -11.33 7.15 11.10
CA VAL A 155 -11.28 5.80 11.65
C VAL A 155 -10.05 5.59 12.54
N VAL A 156 -8.89 5.99 12.05
CA VAL A 156 -7.61 5.80 12.76
C VAL A 156 -7.54 6.64 14.03
N MET A 157 -8.06 7.86 13.97
CA MET A 157 -8.07 8.76 15.12
C MET A 157 -8.97 8.26 16.26
N SER A 158 -9.99 7.49 15.90
CA SER A 158 -10.90 6.88 16.87
C SER A 158 -10.18 5.81 17.70
N LEU A 159 -9.30 5.05 17.07
CA LEU A 159 -8.51 4.03 17.75
C LEU A 159 -7.44 4.65 18.65
N ALA A 160 -6.98 5.85 18.28
CA ALA A 160 -5.93 6.54 19.02
C ALA A 160 -6.44 7.17 20.32
N ALA A 161 -7.75 7.47 20.35
CA ALA A 161 -8.37 8.11 21.51
C ALA A 161 -8.32 7.24 22.76
PB APC B 1 3.78 -4.95 -7.32
O1B APC B 1 3.82 -5.10 -5.75
O2B APC B 1 2.56 -5.74 -7.90
O3B APC B 1 3.61 -3.52 -7.73
PA APC B 1 5.65 -5.22 -9.79
O1A APC B 1 7.11 -5.54 -10.07
O2A APC B 1 4.77 -6.18 -10.68
C3A APC B 1 5.35 -5.64 -8.05
O5' APC B 1 5.30 -3.73 -10.15
C5' APC B 1 6.06 -2.68 -9.73
C4' APC B 1 6.15 -1.52 -10.59
O4' APC B 1 6.97 -1.80 -11.69
C3' APC B 1 4.84 -1.08 -11.13
O3' APC B 1 4.80 0.29 -11.28
C2' APC B 1 4.77 -1.71 -12.43
O2' APC B 1 3.96 -0.99 -13.31
C1' APC B 1 6.16 -1.75 -12.88
N9 APC B 1 6.48 -2.84 -13.76
C8 APC B 1 6.19 -4.14 -13.57
N7 APC B 1 6.67 -4.84 -14.60
C5 APC B 1 7.28 -3.97 -15.46
C6 APC B 1 7.96 -4.13 -16.71
N6 APC B 1 8.11 -5.43 -17.32
N1 APC B 1 8.48 -3.03 -17.31
C2 APC B 1 8.35 -1.81 -16.77
N3 APC B 1 7.71 -1.63 -15.61
C4 APC B 1 7.17 -2.70 -14.92
MG MG C . 4.26 -6.79 -4.64
MG MG D . 4.40 -3.78 -4.47
S SO4 E . -1.63 -2.14 22.17
O1 SO4 E . -0.95 -2.81 23.29
O2 SO4 E . -2.89 -2.84 21.78
O3 SO4 E . -1.96 -0.76 22.62
O4 SO4 E . -0.67 -2.20 21.07
S SO4 F . 2.39 -8.41 -8.11
O1 SO4 F . 2.52 -9.83 -7.72
O2 SO4 F . 2.64 -7.55 -6.95
O3 SO4 F . 3.37 -8.12 -9.19
O4 SO4 F . 1.01 -8.16 -8.59
#